data_3AD5
#
_entry.id   3AD5
#
_cell.length_a   41.961
_cell.length_b   73.610
_cell.length_c   91.960
_cell.angle_alpha   90.00
_cell.angle_beta   90.00
_cell.angle_gamma   90.00
#
_symmetry.space_group_name_H-M   'P 21 21 21'
#
loop_
_entity.id
_entity.type
_entity.pdbx_description
1 polymer 'Proto-oncogene tyrosine-protein kinase LCK'
2 non-polymer 'SULFATE ION'
3 non-polymer 'DIMETHYL SULFOXIDE'
4 non-polymer (4S)-2-METHYL-2,4-PENTANEDIOL
5 non-polymer 4-[4-(benzyloxy)phenyl]-5-{[2-(4-chlorophenyl)-2-oxoethyl]sulfanyl}-2,4-dihydro-3H-1,2,4-triazol-3-one
6 water water
#
_entity_poly.entity_id   1
_entity_poly.type   'polypeptide(L)'
_entity_poly.pdbx_seq_one_letter_code
;QTQKPQKPWWEDEWEVPRETLKLVERLGAGQFGEVWMGYYNGHTKVAVKSLKQGSMSPDAFLAEANLMKQLQHQRLVRLY
AVVTQEPIYIITEYMENGSLVDFLKTPSGIKLTINKLLDMAAQIAEGMAFIEERNYIHRDLRAANILVSDTLSCKIADFG
LARLIEDNE(PTR)TAREGAKFPIKWTAPEAINYGTFTIKSDVWSFGILLTEIVTHGRIPYPGMTNPEVIQNLERGYRMV
RPDNCPEELYQLMRLCWKERPEDRPTFDYLRSVLEDFFTATEGQYQPQP
;
_entity_poly.pdbx_strand_id   A
#
# COMPACT_ATOMS: atom_id res chain seq x y z
C GLN A 6 -11.96 5.60 -22.64
N LYS A 7 -12.54 6.68 -22.15
CA LYS A 7 -12.84 7.88 -22.93
C LYS A 7 -11.58 8.62 -23.37
N PRO A 8 -11.61 9.28 -24.55
CA PRO A 8 -10.46 10.08 -24.96
C PRO A 8 -10.29 11.24 -24.01
N TRP A 9 -9.10 11.86 -24.04
CA TRP A 9 -8.81 12.91 -23.08
C TRP A 9 -9.83 14.06 -23.08
N TRP A 10 -10.42 14.38 -24.24
CA TRP A 10 -11.31 15.54 -24.30
C TRP A 10 -12.70 15.24 -23.76
N GLU A 11 -12.93 13.99 -23.40
CA GLU A 11 -14.18 13.58 -22.72
C GLU A 11 -13.97 13.03 -21.31
N ASP A 12 -12.73 12.63 -21.03
CA ASP A 12 -12.35 12.07 -19.73
C ASP A 12 -12.65 13.08 -18.60
N GLU A 13 -13.52 12.71 -17.65
CA GLU A 13 -13.82 13.63 -16.55
C GLU A 13 -12.62 13.93 -15.64
N TRP A 14 -11.57 13.12 -15.73
CA TRP A 14 -10.40 13.32 -14.89
C TRP A 14 -9.39 14.27 -15.50
N GLU A 15 -9.44 14.46 -16.82
CA GLU A 15 -8.46 15.34 -17.49
C GLU A 15 -8.66 16.77 -17.02
N VAL A 16 -7.57 17.45 -16.65
CA VAL A 16 -7.63 18.87 -16.36
C VAL A 16 -6.51 19.57 -17.14
N PRO A 17 -6.73 20.84 -17.53
CA PRO A 17 -5.67 21.60 -18.19
C PRO A 17 -4.52 21.76 -17.23
N ARG A 18 -3.29 21.68 -17.74
CA ARG A 18 -2.12 21.79 -16.90
C ARG A 18 -2.10 23.12 -16.13
N GLU A 19 -2.73 24.14 -16.71
CA GLU A 19 -2.73 25.49 -16.13
C GLU A 19 -3.41 25.55 -14.75
N THR A 20 -4.30 24.60 -14.48
CA THR A 20 -5.01 24.54 -13.20
C THR A 20 -4.08 24.16 -12.04
N LEU A 21 -2.86 23.74 -12.34
CA LEU A 21 -2.00 23.22 -11.31
C LEU A 21 -0.77 24.07 -11.05
N LYS A 22 -0.45 24.28 -9.78
CA LYS A 22 0.81 24.92 -9.43
C LYS A 22 1.58 23.97 -8.54
N LEU A 23 2.76 23.56 -8.99
CA LEU A 23 3.62 22.64 -8.23
C LEU A 23 4.44 23.46 -7.25
N VAL A 24 4.31 23.19 -5.96
CA VAL A 24 4.89 24.09 -4.97
C VAL A 24 6.13 23.51 -4.32
N GLU A 25 6.05 22.26 -3.86
CA GLU A 25 7.16 21.67 -3.14
C GLU A 25 7.46 20.28 -3.67
N ARG A 26 8.71 20.03 -4.03
CA ARG A 26 9.09 18.69 -4.44
C ARG A 26 9.26 17.76 -3.24
N LEU A 27 8.58 16.62 -3.28
CA LEU A 27 8.59 15.68 -2.16
C LEU A 27 9.51 14.50 -2.43
N GLY A 28 9.68 14.17 -3.71
CA GLY A 28 10.56 13.08 -4.10
C GLY A 28 10.95 13.18 -5.56
N ALA A 29 12.08 12.56 -5.89
CA ALA A 29 12.51 12.47 -7.28
C ALA A 29 13.16 11.11 -7.42
N GLY A 30 12.85 10.43 -8.51
CA GLY A 30 13.33 9.09 -8.76
C GLY A 30 13.63 8.91 -10.23
N GLN A 31 14.02 7.70 -10.58
CA GLN A 31 14.33 7.30 -11.95
C GLN A 31 13.18 7.60 -12.93
N PHE A 32 11.93 7.57 -12.43
CA PHE A 32 10.76 7.65 -13.33
C PHE A 32 9.97 8.96 -13.25
N GLY A 33 10.44 9.90 -12.43
CA GLY A 33 9.80 11.20 -12.33
C GLY A 33 9.91 11.80 -10.95
N GLU A 34 8.96 12.67 -10.64
CA GLU A 34 8.97 13.45 -9.41
C GLU A 34 7.59 13.44 -8.76
N VAL A 35 7.57 13.64 -7.45
CA VAL A 35 6.32 13.83 -6.74
C VAL A 35 6.34 15.17 -6.02
N TRP A 36 5.28 15.94 -6.23
CA TRP A 36 5.22 17.30 -5.71
C TRP A 36 3.95 17.48 -4.88
N MET A 37 4.02 18.34 -3.86
CA MET A 37 2.83 18.98 -3.28
C MET A 37 2.48 20.18 -4.15
N GLY A 38 1.22 20.33 -4.48
CA GLY A 38 0.80 21.46 -5.31
C GLY A 38 -0.62 21.86 -5.01
N TYR A 39 -1.11 22.84 -5.77
CA TYR A 39 -2.50 23.28 -5.63
C TYR A 39 -3.24 23.22 -6.95
N TYR A 40 -4.48 22.79 -6.86
CA TYR A 40 -5.37 22.84 -8.01
C TYR A 40 -6.29 24.03 -7.84
N ASN A 41 -6.34 24.87 -8.88
CA ASN A 41 -7.15 26.07 -8.89
C ASN A 41 -6.91 26.90 -7.64
N GLY A 42 -5.64 27.04 -7.25
CA GLY A 42 -5.24 27.99 -6.20
C GLY A 42 -5.36 27.47 -4.79
N HIS A 43 -6.44 26.75 -4.50
CA HIS A 43 -6.85 26.49 -3.11
C HIS A 43 -6.74 25.04 -2.63
N THR A 44 -6.82 24.11 -3.55
CA THR A 44 -6.95 22.71 -3.15
C THR A 44 -5.62 21.99 -3.22
N LYS A 45 -5.13 21.57 -2.07
CA LYS A 45 -3.84 20.88 -2.01
C LYS A 45 -3.94 19.47 -2.56
N VAL A 46 -3.00 19.13 -3.46
CA VAL A 46 -2.98 17.86 -4.16
C VAL A 46 -1.54 17.36 -4.25
N ALA A 47 -1.37 16.04 -4.43
CA ALA A 47 -0.05 15.50 -4.77
C ALA A 47 0.02 15.32 -6.29
N VAL A 48 1.13 15.73 -6.88
CA VAL A 48 1.29 15.63 -8.32
C VAL A 48 2.46 14.71 -8.63
N LYS A 49 2.20 13.65 -9.39
CA LYS A 49 3.26 12.73 -9.81
C LYS A 49 3.52 12.92 -11.29
N SER A 50 4.74 13.31 -11.65
CA SER A 50 5.08 13.56 -13.04
C SER A 50 5.95 12.45 -13.60
N LEU A 51 5.77 12.18 -14.87
CA LEU A 51 6.53 11.15 -15.54
C LEU A 51 7.73 11.78 -16.24
N LYS A 52 8.91 11.28 -15.95
CA LYS A 52 10.12 11.71 -16.66
C LYS A 52 10.16 11.10 -18.06
N GLN A 53 10.02 11.93 -19.10
CA GLN A 53 9.90 11.43 -20.47
C GLN A 53 11.05 10.49 -20.81
N GLY A 54 10.73 9.37 -21.46
CA GLY A 54 11.75 8.42 -21.87
C GLY A 54 12.13 7.40 -20.82
N SER A 55 11.76 7.64 -19.56
CA SER A 55 12.16 6.74 -18.47
C SER A 55 11.39 5.43 -18.38
N MET A 56 10.15 5.45 -18.88
CA MET A 56 9.27 4.28 -18.88
C MET A 56 8.12 4.68 -19.77
N SER A 57 7.33 3.70 -20.17
CA SER A 57 6.24 3.95 -21.12
C SER A 57 5.18 4.90 -20.54
N PRO A 58 4.72 5.85 -21.34
CA PRO A 58 3.58 6.66 -20.89
C PRO A 58 2.31 5.83 -20.70
N ASP A 59 2.14 4.77 -21.49
CA ASP A 59 1.03 3.84 -21.30
C ASP A 59 1.14 3.17 -19.94
N ALA A 60 2.32 2.67 -19.62
CA ALA A 60 2.59 2.03 -18.32
C ALA A 60 2.30 2.99 -17.18
N PHE A 61 2.75 4.22 -17.32
CA PHE A 61 2.58 5.21 -16.27
C PHE A 61 1.09 5.46 -16.01
N LEU A 62 0.32 5.61 -17.07
CA LEU A 62 -1.09 5.99 -16.96
C LEU A 62 -2.01 4.85 -16.54
N ALA A 63 -1.54 3.62 -16.75
CA ALA A 63 -2.28 2.45 -16.36
C ALA A 63 -2.65 2.54 -14.87
N GLU A 64 -1.75 3.09 -14.07
CA GLU A 64 -2.06 3.26 -12.65
C GLU A 64 -3.29 4.16 -12.43
N ALA A 65 -3.33 5.30 -13.11
CA ALA A 65 -4.51 6.18 -12.96
C ALA A 65 -5.78 5.49 -13.44
N ASN A 66 -5.69 4.73 -14.53
CA ASN A 66 -6.89 4.07 -15.07
C ASN A 66 -7.49 3.08 -14.07
N LEU A 67 -6.61 2.36 -13.40
CA LEU A 67 -7.03 1.44 -12.36
C LEU A 67 -7.73 2.22 -11.22
N MET A 68 -7.13 3.33 -10.80
CA MET A 68 -7.69 4.11 -9.70
C MET A 68 -9.10 4.60 -10.02
N LYS A 69 -9.38 4.87 -11.29
CA LYS A 69 -10.74 5.23 -11.70
C LYS A 69 -11.80 4.19 -11.29
N GLN A 70 -11.37 2.93 -11.15
CA GLN A 70 -12.23 1.80 -10.81
C GLN A 70 -12.24 1.43 -9.34
N LEU A 71 -11.35 2.05 -8.56
CA LEU A 71 -11.20 1.68 -7.15
C LEU A 71 -11.30 2.91 -6.29
N GLN A 72 -12.50 3.41 -6.13
CA GLN A 72 -12.71 4.63 -5.37
C GLN A 72 -13.36 4.28 -4.05
N HIS A 73 -12.72 4.68 -2.95
CA HIS A 73 -13.25 4.38 -1.60
C HIS A 73 -12.58 5.34 -0.64
N GLN A 74 -13.24 5.66 0.48
CA GLN A 74 -12.63 6.55 1.47
C GLN A 74 -11.28 6.06 1.93
N ARG A 75 -11.11 4.74 1.98
CA ARG A 75 -9.92 4.18 2.57
C ARG A 75 -8.77 4.01 1.57
N LEU A 76 -8.99 4.45 0.34
CA LEU A 76 -7.99 4.37 -0.72
C LEU A 76 -7.68 5.78 -1.26
N VAL A 77 -6.39 6.07 -1.42
CA VAL A 77 -5.96 7.33 -2.00
C VAL A 77 -6.74 7.53 -3.30
N ARG A 78 -7.37 8.67 -3.42
CA ARG A 78 -8.28 8.97 -4.53
C ARG A 78 -7.55 9.63 -5.70
N LEU A 79 -7.86 9.18 -6.93
CA LEU A 79 -7.37 9.87 -8.10
C LEU A 79 -8.05 11.23 -8.18
N TYR A 80 -7.26 12.30 -8.27
CA TYR A 80 -7.80 13.64 -8.38
C TYR A 80 -8.00 14.08 -9.85
N ALA A 81 -6.97 13.90 -10.67
CA ALA A 81 -7.02 14.31 -12.08
C ALA A 81 -5.81 13.73 -12.82
N VAL A 82 -5.82 13.86 -14.13
CA VAL A 82 -4.68 13.51 -14.97
C VAL A 82 -4.41 14.66 -15.95
N VAL A 83 -3.16 14.80 -16.35
CA VAL A 83 -2.79 15.60 -17.53
C VAL A 83 -2.08 14.63 -18.46
N THR A 84 -2.69 14.31 -19.59
CA THR A 84 -2.16 13.24 -20.39
C THR A 84 -1.27 13.69 -21.57
N GLN A 85 -0.87 14.95 -21.56
CA GLN A 85 0.14 15.45 -22.51
C GLN A 85 1.46 15.58 -21.79
N GLU A 86 2.57 15.30 -22.48
CA GLU A 86 3.90 15.32 -21.84
C GLU A 86 4.26 16.71 -21.38
N PRO A 87 4.83 16.83 -20.18
CA PRO A 87 5.06 15.75 -19.21
C PRO A 87 3.77 15.25 -18.53
N ILE A 88 3.57 13.95 -18.54
CA ILE A 88 2.33 13.38 -18.03
C ILE A 88 2.23 13.51 -16.51
N TYR A 89 1.09 14.00 -16.02
CA TYR A 89 0.86 14.07 -14.57
C TYR A 89 -0.25 13.11 -14.12
N ILE A 90 -0.08 12.53 -12.94
CA ILE A 90 -1.14 11.86 -12.23
C ILE A 90 -1.35 12.62 -10.92
N ILE A 91 -2.55 13.15 -10.72
CA ILE A 91 -2.76 14.00 -9.58
C ILE A 91 -3.65 13.23 -8.60
N THR A 92 -3.25 13.20 -7.32
CA THR A 92 -3.96 12.36 -6.34
C THR A 92 -4.20 13.11 -5.04
N GLU A 93 -5.07 12.53 -4.21
CA GLU A 93 -5.41 13.03 -2.87
C GLU A 93 -4.15 13.26 -2.02
N TYR A 94 -4.03 14.48 -1.46
CA TYR A 94 -2.88 14.80 -0.64
C TYR A 94 -3.02 14.23 0.76
N MET A 95 -1.98 13.56 1.22
CA MET A 95 -2.02 12.92 2.52
C MET A 95 -0.96 13.60 3.40
N GLU A 96 -1.43 14.39 4.35
CA GLU A 96 -0.56 15.36 5.00
C GLU A 96 0.61 14.73 5.76
N ASN A 97 0.41 13.54 6.34
CA ASN A 97 1.44 12.94 7.17
C ASN A 97 2.29 11.91 6.45
N GLY A 98 2.14 11.87 5.13
CA GLY A 98 3.05 11.07 4.28
C GLY A 98 2.90 9.57 4.47
N SER A 99 3.97 8.82 4.23
CA SER A 99 3.89 7.37 4.36
C SER A 99 3.87 6.89 5.81
N LEU A 100 3.16 5.80 6.08
CA LEU A 100 3.07 5.29 7.43
C LEU A 100 4.45 4.95 7.96
N VAL A 101 5.26 4.29 7.14
CA VAL A 101 6.62 3.93 7.52
C VAL A 101 7.43 5.14 8.04
N ASP A 102 7.29 6.30 7.38
CA ASP A 102 7.95 7.54 7.84
C ASP A 102 7.23 8.17 9.04
N PHE A 103 5.90 8.19 8.97
CA PHE A 103 5.11 8.85 10.03
C PHE A 103 5.29 8.22 11.44
N LEU A 104 5.41 6.90 11.50
CA LEU A 104 5.54 6.21 12.79
C LEU A 104 6.87 6.54 13.46
N LYS A 105 7.81 7.07 12.70
CA LYS A 105 9.12 7.47 13.25
C LYS A 105 9.18 8.92 13.71
N THR A 106 8.21 9.73 13.30
CA THR A 106 8.17 11.13 13.74
C THR A 106 7.81 11.20 15.22
N PRO A 107 8.07 12.34 15.88
CA PRO A 107 7.70 12.48 17.28
C PRO A 107 6.21 12.21 17.54
N SER A 108 5.33 12.62 16.63
CA SER A 108 3.88 12.31 16.76
C SER A 108 3.67 10.82 16.67
N GLY A 109 4.28 10.19 15.66
CA GLY A 109 4.15 8.75 15.43
C GLY A 109 4.69 7.94 16.59
N ILE A 110 5.86 8.34 17.08
CA ILE A 110 6.45 7.69 18.25
C ILE A 110 5.54 7.67 19.48
N LYS A 111 4.75 8.70 19.68
CA LYS A 111 3.92 8.77 20.87
C LYS A 111 2.59 8.00 20.75
N LEU A 112 2.29 7.42 19.60
CA LEU A 112 0.99 6.72 19.46
C LEU A 112 0.89 5.51 20.38
N THR A 113 -0.27 5.32 20.99
CA THR A 113 -0.51 4.17 21.86
C THR A 113 -0.74 2.91 21.03
N ILE A 114 -0.63 1.73 21.66
CA ILE A 114 -1.00 0.50 20.94
C ILE A 114 -2.46 0.57 20.46
N ASN A 115 -3.32 1.21 21.25
CA ASN A 115 -4.70 1.38 20.84
C ASN A 115 -4.83 2.07 19.47
N LYS A 116 -4.07 3.16 19.28
CA LYS A 116 -4.16 3.89 18.00
C LYS A 116 -3.50 3.09 16.86
N LEU A 117 -2.46 2.32 17.19
CA LEU A 117 -1.78 1.54 16.17
C LEU A 117 -2.73 0.45 15.69
N LEU A 118 -3.57 -0.06 16.60
CA LEU A 118 -4.53 -1.13 16.24
C LEU A 118 -5.66 -0.53 15.41
N ASP A 119 -6.06 0.68 15.77
CA ASP A 119 -7.03 1.47 14.99
C ASP A 119 -6.51 1.59 13.56
N MET A 120 -5.28 2.08 13.41
CA MET A 120 -4.70 2.24 12.09
C MET A 120 -4.63 0.92 11.29
N ALA A 121 -4.30 -0.17 11.98
CA ALA A 121 -4.25 -1.48 11.32
C ALA A 121 -5.63 -1.87 10.80
N ALA A 122 -6.66 -1.66 11.62
CA ALA A 122 -8.03 -1.93 11.18
C ALA A 122 -8.42 -1.06 9.97
N GLN A 123 -8.08 0.22 9.99
CA GLN A 123 -8.34 1.11 8.83
C GLN A 123 -7.73 0.57 7.53
N ILE A 124 -6.52 0.05 7.63
CA ILE A 124 -5.82 -0.51 6.47
C ILE A 124 -6.53 -1.80 6.02
N ALA A 125 -6.90 -2.65 7.00
CA ALA A 125 -7.62 -3.84 6.68
C ALA A 125 -8.94 -3.49 5.97
N GLU A 126 -9.55 -2.38 6.38
CA GLU A 126 -10.82 -1.95 5.84
C GLU A 126 -10.66 -1.53 4.38
N GLY A 127 -9.56 -0.86 4.06
CA GLY A 127 -9.30 -0.51 2.67
C GLY A 127 -9.01 -1.77 1.86
N MET A 128 -8.17 -2.65 2.39
CA MET A 128 -7.94 -3.93 1.71
C MET A 128 -9.20 -4.80 1.55
N ALA A 129 -10.15 -4.71 2.47
CA ALA A 129 -11.36 -5.50 2.33
C ALA A 129 -12.16 -5.01 1.10
N PHE A 130 -12.17 -3.70 0.88
CA PHE A 130 -12.77 -3.15 -0.36
C PHE A 130 -12.08 -3.64 -1.61
N ILE A 131 -10.75 -3.61 -1.62
CA ILE A 131 -9.97 -4.10 -2.76
C ILE A 131 -10.29 -5.57 -3.04
N GLU A 132 -10.37 -6.36 -1.97
CA GLU A 132 -10.76 -7.76 -2.01
C GLU A 132 -12.17 -7.98 -2.57
N GLU A 133 -13.16 -7.28 -2.00
CA GLU A 133 -14.54 -7.35 -2.51
C GLU A 133 -14.66 -6.96 -4.00
N ARG A 134 -13.81 -6.05 -4.48
CA ARG A 134 -13.88 -5.63 -5.89
C ARG A 134 -13.12 -6.53 -6.87
N ASN A 135 -12.60 -7.65 -6.38
CA ASN A 135 -11.80 -8.57 -7.22
C ASN A 135 -10.45 -8.03 -7.67
N TYR A 136 -9.88 -7.10 -6.90
CA TYR A 136 -8.53 -6.65 -7.18
C TYR A 136 -7.51 -7.27 -6.24
N ILE A 137 -6.24 -7.14 -6.62
CA ILE A 137 -5.14 -7.41 -5.71
C ILE A 137 -4.20 -6.23 -5.80
N HIS A 138 -3.42 -6.01 -4.75
CA HIS A 138 -2.53 -4.85 -4.66
C HIS A 138 -1.07 -5.24 -5.01
N ARG A 139 -0.54 -6.28 -4.36
CA ARG A 139 0.79 -6.84 -4.66
C ARG A 139 1.99 -6.07 -4.11
N ASP A 140 1.76 -4.88 -3.54
CA ASP A 140 2.86 -4.03 -3.00
C ASP A 140 2.41 -3.48 -1.64
N LEU A 141 1.67 -4.31 -0.89
CA LEU A 141 1.14 -3.90 0.41
C LEU A 141 2.25 -3.91 1.47
N ARG A 142 2.53 -2.75 2.03
CA ARG A 142 3.62 -2.56 2.98
C ARG A 142 3.41 -1.18 3.57
N ALA A 143 4.04 -0.90 4.71
CA ALA A 143 3.84 0.40 5.35
C ALA A 143 4.29 1.57 4.48
N ALA A 144 5.23 1.36 3.57
CA ALA A 144 5.66 2.46 2.68
C ALA A 144 4.52 2.87 1.75
N ASN A 145 3.57 1.95 1.52
CA ASN A 145 2.43 2.23 0.63
C ASN A 145 1.09 2.42 1.35
N ILE A 146 1.16 2.77 2.64
CA ILE A 146 0.01 3.33 3.36
C ILE A 146 0.31 4.81 3.61
N LEU A 147 -0.62 5.70 3.27
CA LEU A 147 -0.42 7.12 3.58
C LEU A 147 -1.34 7.53 4.73
N VAL A 148 -0.93 8.56 5.44
CA VAL A 148 -1.57 8.97 6.67
C VAL A 148 -2.04 10.41 6.50
N SER A 149 -3.29 10.68 6.89
CA SER A 149 -3.89 12.02 6.77
C SER A 149 -3.52 12.92 7.92
N ASP A 150 -3.95 14.19 7.83
CA ASP A 150 -3.75 15.10 8.93
C ASP A 150 -4.55 14.69 10.17
N THR A 151 -5.63 13.92 10.00
CA THR A 151 -6.46 13.47 11.15
C THR A 151 -6.03 12.06 11.64
N LEU A 152 -4.85 11.62 11.21
CA LEU A 152 -4.31 10.30 11.55
C LEU A 152 -5.21 9.15 11.11
N SER A 153 -5.79 9.30 9.91
CA SER A 153 -6.44 8.20 9.26
C SER A 153 -5.50 7.70 8.14
N CYS A 154 -5.65 6.42 7.78
CA CYS A 154 -4.76 5.74 6.86
C CYS A 154 -5.50 5.37 5.58
N LYS A 155 -4.79 5.40 4.46
CA LYS A 155 -5.36 5.02 3.17
C LYS A 155 -4.38 4.18 2.35
N ILE A 156 -4.90 3.23 1.60
CA ILE A 156 -4.03 2.43 0.72
C ILE A 156 -3.56 3.30 -0.47
N ALA A 157 -2.28 3.20 -0.83
CA ALA A 157 -1.74 3.98 -1.95
C ALA A 157 -0.91 3.11 -2.88
N ASP A 158 -0.40 3.76 -3.93
CA ASP A 158 0.50 3.14 -4.91
C ASP A 158 -0.09 1.89 -5.58
N PHE A 159 -0.83 2.12 -6.67
CA PHE A 159 -1.57 1.07 -7.32
C PHE A 159 -0.87 0.60 -8.60
N GLY A 160 0.44 0.83 -8.67
CA GLY A 160 1.19 0.49 -9.87
C GLY A 160 1.13 -1.00 -10.19
N LEU A 161 1.21 -1.83 -9.14
CA LEU A 161 1.19 -3.30 -9.30
C LEU A 161 -0.20 -3.93 -9.18
N ALA A 162 -1.18 -3.12 -8.79
CA ALA A 162 -2.52 -3.62 -8.52
C ALA A 162 -3.15 -4.14 -9.81
N ARG A 163 -3.97 -5.17 -9.70
CA ARG A 163 -4.55 -5.82 -10.88
C ARG A 163 -5.96 -6.29 -10.61
N LEU A 164 -6.81 -6.15 -11.61
CA LEU A 164 -8.12 -6.78 -11.59
C LEU A 164 -7.94 -8.30 -11.79
N ILE A 165 -8.51 -9.08 -10.90
CA ILE A 165 -8.51 -10.52 -11.02
C ILE A 165 -9.79 -11.00 -11.69
N GLU A 166 -9.67 -11.85 -12.70
CA GLU A 166 -10.86 -12.50 -13.27
C GLU A 166 -11.05 -13.85 -12.57
N ASP A 167 -9.97 -14.64 -12.60
CA ASP A 167 -9.98 -16.04 -12.20
C ASP A 167 -9.19 -16.31 -10.93
N ASN A 168 -9.36 -15.46 -9.92
CA ASN A 168 -8.71 -15.67 -8.63
C ASN A 168 -7.23 -15.28 -8.57
N GLU A 169 -6.51 -15.43 -9.69
CA GLU A 169 -5.04 -15.44 -9.69
C GLU A 169 -4.35 -14.70 -10.85
N THR A 171 -0.54 -14.20 -12.61
CA THR A 171 0.78 -14.82 -12.66
C THR A 171 1.76 -13.86 -13.34
N ALA A 172 2.74 -13.36 -12.59
CA ALA A 172 3.81 -12.52 -13.16
C ALA A 172 4.80 -13.32 -14.04
N ARG A 173 5.63 -12.61 -14.82
CA ARG A 173 6.61 -13.26 -15.70
C ARG A 173 7.66 -13.96 -14.83
N GLU A 174 8.23 -15.04 -15.35
CA GLU A 174 9.15 -15.80 -14.51
C GLU A 174 10.51 -15.14 -14.24
N GLY A 175 10.73 -13.97 -14.84
CA GLY A 175 11.86 -13.12 -14.44
C GLY A 175 11.52 -11.96 -13.50
N ALA A 176 10.35 -12.01 -12.87
CA ALA A 176 9.89 -10.85 -12.11
C ALA A 176 10.32 -10.91 -10.65
N LYS A 177 10.77 -9.79 -10.11
CA LYS A 177 11.29 -9.75 -8.74
C LYS A 177 10.44 -8.89 -7.81
N PHE A 178 10.22 -9.38 -6.59
CA PHE A 178 9.44 -8.66 -5.60
C PHE A 178 10.15 -8.69 -4.23
N PRO A 179 9.87 -7.71 -3.36
CA PRO A 179 10.63 -7.67 -2.09
C PRO A 179 10.37 -8.95 -1.33
N ILE A 180 11.44 -9.68 -1.01
CA ILE A 180 11.33 -10.99 -0.41
C ILE A 180 10.61 -10.97 0.94
N LYS A 181 10.93 -9.99 1.78
CA LYS A 181 10.41 -9.97 3.14
C LYS A 181 8.90 -9.73 3.23
N TRP A 182 8.32 -9.09 2.22
CA TRP A 182 6.92 -8.65 2.25
C TRP A 182 6.01 -9.52 1.41
N THR A 183 6.62 -10.26 0.49
CA THR A 183 5.84 -10.99 -0.50
C THR A 183 5.58 -12.45 -0.06
N ALA A 184 4.38 -12.96 -0.35
CA ALA A 184 4.01 -14.33 0.03
C ALA A 184 4.92 -15.33 -0.68
N PRO A 185 5.22 -16.47 -0.05
CA PRO A 185 6.11 -17.48 -0.65
C PRO A 185 5.68 -17.97 -2.02
N GLU A 186 4.38 -18.15 -2.24
CA GLU A 186 3.89 -18.65 -3.53
C GLU A 186 4.11 -17.65 -4.65
N ALA A 187 4.05 -16.36 -4.33
CA ALA A 187 4.32 -15.32 -5.31
C ALA A 187 5.81 -15.21 -5.62
N ILE A 188 6.66 -15.24 -4.59
CA ILE A 188 8.10 -15.30 -4.83
C ILE A 188 8.47 -16.55 -5.65
N ASN A 189 7.94 -17.70 -5.27
CA ASN A 189 8.34 -18.97 -5.89
C ASN A 189 7.81 -19.25 -7.28
N TYR A 190 6.55 -18.89 -7.51
CA TYR A 190 5.82 -19.25 -8.71
C TYR A 190 5.28 -18.03 -9.46
N GLY A 191 5.37 -16.86 -8.86
CA GLY A 191 4.83 -15.65 -9.46
C GLY A 191 3.31 -15.56 -9.38
N THR A 192 2.70 -16.46 -8.61
CA THR A 192 1.25 -16.51 -8.52
C THR A 192 0.81 -15.62 -7.35
N PHE A 193 0.05 -14.57 -7.68
CA PHE A 193 -0.51 -13.65 -6.69
C PHE A 193 -2.02 -13.77 -6.56
N THR A 194 -2.53 -13.79 -5.33
CA THR A 194 -3.99 -13.72 -5.11
C THR A 194 -4.23 -12.71 -4.00
N ILE A 195 -5.49 -12.51 -3.63
CA ILE A 195 -5.74 -11.63 -2.51
C ILE A 195 -5.07 -12.24 -1.26
N LYS A 196 -4.88 -13.57 -1.25
CA LYS A 196 -4.27 -14.23 -0.08
C LYS A 196 -2.76 -13.90 0.02
N SER A 197 -2.18 -13.50 -1.10
CA SER A 197 -0.80 -13.02 -1.09
C SER A 197 -0.74 -11.69 -0.40
N ASP A 198 -1.69 -10.81 -0.69
CA ASP A 198 -1.78 -9.53 -0.01
C ASP A 198 -2.03 -9.77 1.49
N VAL A 199 -2.75 -10.82 1.83
CA VAL A 199 -3.01 -11.10 3.25
C VAL A 199 -1.69 -11.42 3.96
N TRP A 200 -0.83 -12.16 3.30
CA TRP A 200 0.50 -12.44 3.88
C TRP A 200 1.27 -11.12 4.09
N SER A 201 1.32 -10.29 3.06
CA SER A 201 1.95 -8.99 3.15
C SER A 201 1.40 -8.15 4.29
N PHE A 202 0.08 -8.14 4.44
CA PHE A 202 -0.57 -7.46 5.57
C PHE A 202 -0.04 -7.94 6.93
N GLY A 203 0.23 -9.23 7.07
CA GLY A 203 0.83 -9.71 8.32
C GLY A 203 2.20 -9.05 8.53
N ILE A 204 3.01 -9.00 7.48
CA ILE A 204 4.31 -8.31 7.55
C ILE A 204 4.11 -6.82 7.89
N LEU A 205 3.11 -6.19 7.27
CA LEU A 205 2.80 -4.79 7.53
C LEU A 205 2.48 -4.58 9.00
N LEU A 206 1.75 -5.51 9.62
CA LEU A 206 1.46 -5.38 11.06
C LEU A 206 2.73 -5.32 11.88
N THR A 207 3.77 -6.05 11.48
CA THR A 207 5.06 -5.93 12.20
C THR A 207 5.67 -4.54 12.09
N GLU A 208 5.60 -3.95 10.89
CA GLU A 208 6.05 -2.59 10.70
C GLU A 208 5.25 -1.62 11.58
N ILE A 209 3.95 -1.89 11.75
CA ILE A 209 3.14 -1.00 12.60
C ILE A 209 3.59 -1.06 14.07
N VAL A 210 3.80 -2.26 14.56
CA VAL A 210 4.09 -2.42 15.98
C VAL A 210 5.55 -2.08 16.31
N THR A 211 6.43 -2.07 15.32
CA THR A 211 7.84 -1.75 15.55
C THR A 211 8.17 -0.32 15.13
N HIS A 212 7.13 0.46 14.88
CA HIS A 212 7.30 1.80 14.35
C HIS A 212 8.19 1.87 13.11
N GLY A 213 7.89 1.03 12.14
CA GLY A 213 8.55 1.08 10.84
C GLY A 213 9.87 0.35 10.68
N ARG A 214 10.21 -0.52 11.63
CA ARG A 214 11.44 -1.32 11.55
C ARG A 214 11.32 -2.36 10.45
N ILE A 215 12.47 -2.71 9.88
CA ILE A 215 12.52 -3.72 8.83
C ILE A 215 12.15 -5.12 9.38
N PRO A 216 11.23 -5.83 8.71
CA PRO A 216 10.82 -7.20 9.08
C PRO A 216 12.00 -8.16 9.17
N TYR A 217 11.85 -9.21 9.98
CA TYR A 217 12.86 -10.27 10.12
C TYR A 217 14.19 -9.68 10.56
N PRO A 218 14.22 -9.06 11.75
CA PRO A 218 15.41 -8.41 12.31
C PRO A 218 16.67 -9.30 12.17
N GLY A 219 17.71 -8.74 11.58
CA GLY A 219 19.02 -9.40 11.52
C GLY A 219 19.12 -10.54 10.53
N MET A 220 18.14 -10.65 9.62
CA MET A 220 18.17 -11.73 8.63
C MET A 220 18.32 -11.21 7.21
N THR A 221 19.10 -11.93 6.41
CA THR A 221 19.18 -11.70 4.97
C THR A 221 18.00 -12.38 4.32
N ASN A 222 17.75 -12.04 3.06
CA ASN A 222 16.72 -12.72 2.29
C ASN A 222 16.84 -14.26 2.20
N PRO A 223 18.05 -14.80 1.93
CA PRO A 223 18.18 -16.26 1.94
C PRO A 223 17.87 -16.88 3.31
N GLU A 224 18.19 -16.16 4.38
CA GLU A 224 17.89 -16.64 5.73
C GLU A 224 16.38 -16.63 5.99
N VAL A 225 15.71 -15.59 5.50
CA VAL A 225 14.25 -15.51 5.61
C VAL A 225 13.58 -16.67 4.84
N ILE A 226 14.01 -16.91 3.61
CA ILE A 226 13.46 -18.01 2.80
C ILE A 226 13.71 -19.36 3.48
N GLN A 227 14.91 -19.54 4.00
CA GLN A 227 15.24 -20.78 4.69
C GLN A 227 14.40 -21.01 5.96
N ASN A 228 14.25 -19.98 6.80
CA ASN A 228 13.48 -20.13 8.02
C ASN A 228 12.03 -20.46 7.71
N LEU A 229 11.44 -19.72 6.76
CA LEU A 229 10.07 -19.96 6.34
C LEU A 229 9.86 -21.40 5.88
N GLU A 230 10.77 -21.90 5.05
CA GLU A 230 10.63 -23.27 4.56
C GLU A 230 10.73 -24.33 5.67
N ARG A 231 11.38 -23.98 6.77
CA ARG A 231 11.45 -24.89 7.93
C ARG A 231 10.17 -24.84 8.75
N GLY A 232 9.33 -23.84 8.48
CA GLY A 232 8.08 -23.66 9.25
C GLY A 232 8.18 -22.58 10.33
N TYR A 233 9.31 -21.90 10.42
CA TYR A 233 9.42 -20.78 11.36
C TYR A 233 8.72 -19.62 10.70
N ARG A 234 8.26 -18.69 11.53
CA ARG A 234 7.75 -17.42 11.05
C ARG A 234 8.56 -16.33 11.73
N MET A 235 8.28 -15.07 11.41
CA MET A 235 9.09 -13.99 11.98
C MET A 235 9.01 -14.13 13.48
N VAL A 236 10.16 -13.93 14.14
CA VAL A 236 10.21 -13.90 15.59
C VAL A 236 9.28 -12.80 16.16
N ARG A 237 8.59 -13.11 17.26
CA ARG A 237 7.75 -12.10 17.93
C ARG A 237 8.44 -10.77 18.05
N PRO A 238 7.88 -9.70 17.44
CA PRO A 238 8.52 -8.39 17.56
C PRO A 238 8.51 -7.91 19.00
N ASP A 239 9.45 -7.03 19.35
CA ASP A 239 9.49 -6.46 20.70
C ASP A 239 8.20 -5.71 20.94
N ASN A 240 7.66 -5.90 22.14
CA ASN A 240 6.44 -5.19 22.55
C ASN A 240 5.22 -5.41 21.63
N CYS A 241 5.11 -6.63 21.10
CA CYS A 241 3.95 -6.99 20.27
C CYS A 241 2.95 -7.73 21.16
N PRO A 242 1.70 -7.22 21.26
CA PRO A 242 0.68 -7.98 21.97
C PRO A 242 0.56 -9.39 21.38
N GLU A 243 0.48 -10.41 22.23
CA GLU A 243 0.39 -11.78 21.70
C GLU A 243 -0.85 -11.93 20.83
N GLU A 244 -1.92 -11.22 21.16
CA GLU A 244 -3.09 -11.28 20.28
C GLU A 244 -2.75 -10.89 18.85
N LEU A 245 -2.06 -9.77 18.70
CA LEU A 245 -1.68 -9.30 17.37
C LEU A 245 -0.71 -10.29 16.71
N TYR A 246 0.19 -10.86 17.49
CA TYR A 246 1.16 -11.78 16.91
C TYR A 246 0.42 -13.01 16.37
N GLN A 247 -0.58 -13.50 17.09
CA GLN A 247 -1.34 -14.67 16.58
C GLN A 247 -2.15 -14.30 15.33
N LEU A 248 -2.59 -13.05 15.24
CA LEU A 248 -3.26 -12.60 14.01
C LEU A 248 -2.26 -12.54 12.82
N MET A 249 -1.07 -11.99 13.05
CA MET A 249 -0.01 -12.09 12.04
C MET A 249 0.19 -13.54 11.59
N ARG A 250 0.28 -14.46 12.54
CA ARG A 250 0.47 -15.88 12.17
C ARG A 250 -0.63 -16.41 11.24
N LEU A 251 -1.88 -16.04 11.50
CA LEU A 251 -2.97 -16.42 10.58
C LEU A 251 -2.68 -15.92 9.16
N CYS A 252 -2.19 -14.69 9.05
CA CYS A 252 -1.79 -14.15 7.73
C CYS A 252 -0.70 -14.99 7.09
N TRP A 253 0.12 -15.65 7.91
CA TRP A 253 1.27 -16.38 7.39
C TRP A 253 1.05 -17.90 7.30
N LYS A 254 -0.20 -18.32 7.28
CA LYS A 254 -0.47 -19.75 7.05
C LYS A 254 0.20 -20.25 5.77
N GLU A 255 0.68 -21.47 5.82
CA GLU A 255 1.32 -22.11 4.69
C GLU A 255 0.42 -22.12 3.44
N ARG A 256 -0.79 -22.65 3.57
CA ARG A 256 -1.70 -22.68 2.38
C ARG A 256 -2.45 -21.36 2.20
N PRO A 257 -2.31 -20.75 1.02
CA PRO A 257 -2.95 -19.45 0.82
C PRO A 257 -4.42 -19.48 1.21
N GLU A 258 -5.12 -20.57 0.92
CA GLU A 258 -6.54 -20.58 1.20
C GLU A 258 -6.88 -20.68 2.71
N ASP A 259 -5.91 -21.05 3.56
CA ASP A 259 -6.13 -21.06 5.02
C ASP A 259 -6.02 -19.67 5.64
N ARG A 260 -5.39 -18.77 4.91
CA ARG A 260 -5.25 -17.38 5.37
C ARG A 260 -6.60 -16.70 5.42
N PRO A 261 -6.79 -15.76 6.36
CA PRO A 261 -8.11 -15.21 6.57
C PRO A 261 -8.48 -14.20 5.49
N THR A 262 -9.74 -13.79 5.44
CA THR A 262 -10.16 -12.69 4.56
C THR A 262 -9.80 -11.34 5.17
N PHE A 263 -9.74 -10.29 4.35
CA PHE A 263 -9.49 -8.95 4.91
C PHE A 263 -10.67 -8.44 5.72
N ASP A 264 -11.88 -8.84 5.34
CA ASP A 264 -13.01 -8.51 6.19
C ASP A 264 -12.88 -9.07 7.61
N TYR A 265 -12.44 -10.32 7.71
CA TYR A 265 -12.20 -10.93 9.03
C TYR A 265 -11.11 -10.15 9.80
N LEU A 266 -10.02 -9.83 9.12
CA LEU A 266 -8.92 -9.09 9.72
C LEU A 266 -9.44 -7.74 10.24
N ARG A 267 -10.23 -7.06 9.42
CA ARG A 267 -10.81 -5.80 9.82
C ARG A 267 -11.62 -5.98 11.11
N SER A 268 -12.50 -6.98 11.13
CA SER A 268 -13.42 -7.09 12.24
C SER A 268 -12.68 -7.46 13.52
N VAL A 269 -11.66 -8.29 13.39
CA VAL A 269 -10.87 -8.68 14.55
C VAL A 269 -10.09 -7.48 15.09
N LEU A 270 -9.44 -6.73 14.19
CA LEU A 270 -8.66 -5.59 14.64
C LEU A 270 -9.55 -4.49 15.26
N GLU A 271 -10.79 -4.35 14.79
CA GLU A 271 -11.71 -3.42 15.43
C GLU A 271 -12.06 -3.84 16.87
N ASP A 272 -12.17 -5.14 17.09
CA ASP A 272 -12.40 -5.68 18.43
C ASP A 272 -11.18 -5.45 19.32
N PHE A 273 -9.99 -5.65 18.75
CA PHE A 273 -8.76 -5.43 19.49
C PHE A 273 -8.73 -3.98 19.93
N PHE A 274 -9.10 -3.10 19.00
CA PHE A 274 -9.03 -1.66 19.22
C PHE A 274 -10.06 -1.25 20.32
N THR A 275 -11.28 -1.75 20.22
CA THR A 275 -12.32 -1.28 21.15
C THR A 275 -12.08 -1.85 22.55
N ALA A 276 -11.48 -3.03 22.60
CA ALA A 276 -11.06 -3.60 23.87
C ALA A 276 -10.01 -2.70 24.54
N THR A 277 -8.95 -2.34 23.79
CA THR A 277 -7.90 -1.46 24.31
C THR A 277 -8.36 0.01 24.43
#